data_3U78
#
_entry.id   3U78
#
_cell.length_a   77.429
_cell.length_b   77.429
_cell.length_c   289.685
_cell.angle_alpha   90.00
_cell.angle_beta   90.00
_cell.angle_gamma   120.00
#
_symmetry.space_group_name_H-M   'P 61 2 2'
#
loop_
_entity.id
_entity.type
_entity.pdbx_description
1 polymer 'Lysine-specific demethylase 7'
2 non-polymer '2-OXOGLUTARIC ACID'
3 non-polymer 'NICKEL (II) ION'
4 non-polymer 'CHLORIDE ION'
5 non-polymer 'SULFATE ION'
6 non-polymer 1,2-ETHANEDIOL
7 non-polymer 7-[(5-aminopentyl)oxy]-N~4~-(1-benzylpiperidin-4-yl)-N~2~-[3-(dimethylamino)propyl]-6-methoxyquinazoline-2,4-diamine
8 water water
#
_entity_poly.entity_id   1
_entity_poly.type   'polypeptide(L)'
_entity_poly.pdbx_seq_one_letter_code
;SLMKKRRNWHRHDYTEIDDGSKPVQAGTRTFIKELRSRVFPSADEIIIKMHGSQLTQRYLEKHGFDVPIMVPKLDDLGLR
LPSPTFSVMDVERYVGGDKVIDVIDVARQADSKMTLHNYVKYFMNPNRPKVLNVISLEFSDTKMSELVEVPDIAKKLSWV
ENYWPDDSVFPKPFVQKYCLMGVQDSYTDFHIDFGGTSVWYHVLWGEKIFYLIKPTDENLARYESWSSSVTQSEVFFGDK
VDKCYKCVVKQGHTLFVPTGWIHAVLTSQDCMAFGGNFLHNLNIGMQLRCYEMEKRLKTPDLFKFPFFEAICWFVAKNLL
ETLKELREDGFQPQTYLVQGVKALHTALKLWMKKELVSEHAFEIPDNVRPGHLIKELSKVIRAIEEENGKPVKSQGI
;
_entity_poly.pdbx_strand_id   A
#
loop_
_chem_comp.id
_chem_comp.type
_chem_comp.name
_chem_comp.formula
AKG non-polymer '2-OXOGLUTARIC ACID' 'C5 H6 O5'
CL non-polymer 'CHLORIDE ION' 'Cl -1'
E67 non-polymer 7-[(5-aminopentyl)oxy]-N~4~-(1-benzylpiperidin-4-yl)-N~2~-[3-(dimethylamino)propyl]-6-methoxyquinazoline-2,4-diamine 'C31 H47 N7 O2'
EDO non-polymer 1,2-ETHANEDIOL 'C2 H6 O2'
NI non-polymer 'NICKEL (II) ION' 'Ni 2'
SO4 non-polymer 'SULFATE ION' 'O4 S -2'
#
# COMPACT_ATOMS: atom_id res chain seq x y z
N PRO A 23 -24.80 19.43 4.90
CA PRO A 23 -23.68 18.49 5.09
C PRO A 23 -22.71 18.54 3.93
N VAL A 24 -21.43 18.83 4.21
CA VAL A 24 -20.38 18.85 3.19
C VAL A 24 -20.02 17.42 2.78
N GLN A 25 -20.19 17.11 1.50
CA GLN A 25 -19.95 15.75 1.01
C GLN A 25 -18.55 15.64 0.40
N ALA A 26 -17.88 14.53 0.68
CA ALA A 26 -16.50 14.34 0.25
C ALA A 26 -16.36 14.43 -1.26
N GLY A 27 -15.29 15.04 -1.71
CA GLY A 27 -15.02 15.11 -3.13
C GLY A 27 -15.68 16.29 -3.82
N THR A 28 -16.75 16.82 -3.21
CA THR A 28 -17.45 17.96 -3.81
C THR A 28 -16.63 19.24 -3.69
N ARG A 29 -16.91 20.20 -4.56
CA ARG A 29 -16.16 21.45 -4.57
C ARG A 29 -16.17 22.19 -3.24
N THR A 30 -17.26 22.04 -2.48
CA THR A 30 -17.39 22.71 -1.18
C THR A 30 -16.40 22.09 -0.22
N PHE A 31 -16.38 20.77 -0.23
CA PHE A 31 -15.48 20.01 0.60
C PHE A 31 -14.03 20.30 0.23
N ILE A 32 -13.80 20.58 -1.05
CA ILE A 32 -12.46 20.91 -1.52
C ILE A 32 -12.02 22.30 -1.04
N LYS A 33 -12.94 23.26 -0.97
CA LYS A 33 -12.64 24.57 -0.41
C LYS A 33 -12.17 24.44 1.03
N GLU A 34 -12.84 23.61 1.81
CA GLU A 34 -12.42 23.39 3.17
C GLU A 34 -11.07 22.69 3.26
N LEU A 35 -10.90 21.62 2.48
CA LEU A 35 -9.65 20.91 2.48
C LEU A 35 -8.48 21.83 2.17
N ARG A 36 -8.69 22.73 1.22
CA ARG A 36 -7.63 23.59 0.78
C ARG A 36 -7.37 24.71 1.79
N SER A 37 -8.31 24.89 2.70
CA SER A 37 -8.26 25.96 3.70
C SER A 37 -7.57 25.55 5.00
N ARG A 38 -7.91 24.37 5.52
CA ARG A 38 -7.32 23.91 6.77
C ARG A 38 -5.80 23.96 6.66
N VAL A 39 -5.15 24.49 7.68
CA VAL A 39 -3.71 24.27 7.77
C VAL A 39 -3.51 23.10 8.73
N PHE A 40 -2.76 22.13 8.25
CA PHE A 40 -2.60 20.89 8.97
C PHE A 40 -1.20 20.90 9.53
N PRO A 41 -0.99 20.12 10.59
CA PRO A 41 0.40 20.01 11.00
C PRO A 41 1.21 19.54 9.80
N SER A 42 2.35 20.17 9.56
CA SER A 42 3.24 19.72 8.49
C SER A 42 3.68 18.27 8.68
N ALA A 43 3.66 17.50 7.61
CA ALA A 43 4.28 16.19 7.64
C ALA A 43 5.79 16.29 7.96
N ASP A 44 6.35 17.50 8.01
CA ASP A 44 7.75 17.60 8.40
C ASP A 44 7.99 17.12 9.83
N GLU A 45 6.92 17.14 10.62
CA GLU A 45 7.04 16.70 12.00
C GLU A 45 7.34 15.24 12.17
N ILE A 46 7.09 14.42 11.15
CA ILE A 46 7.24 13.00 11.34
C ILE A 46 7.96 12.27 10.24
N ILE A 47 7.90 12.79 9.03
CA ILE A 47 8.56 12.09 7.94
C ILE A 47 10.08 12.28 7.99
N ILE A 48 10.79 11.33 7.42
CA ILE A 48 12.23 11.36 7.40
C ILE A 48 12.63 11.62 5.96
N LYS A 49 13.38 12.71 5.73
CA LYS A 49 13.93 12.97 4.40
C LYS A 49 15.28 12.32 4.26
N MET A 50 15.52 11.69 3.13
CA MET A 50 16.81 11.08 2.89
C MET A 50 17.16 10.95 1.40
N HIS A 51 18.42 10.61 1.12
CA HIS A 51 18.87 10.48 -0.26
C HIS A 51 18.62 9.05 -0.69
N GLY A 52 18.44 8.85 -1.99
CA GLY A 52 18.38 7.51 -2.54
C GLY A 52 19.20 6.47 -1.80
N SER A 53 20.48 6.75 -1.61
CA SER A 53 21.46 5.76 -1.13
C SER A 53 21.40 5.43 0.36
N GLN A 54 20.62 6.18 1.11
CA GLN A 54 20.47 5.90 2.53
C GLN A 54 19.34 4.87 2.71
N LEU A 55 18.45 4.81 1.73
CA LEU A 55 17.27 3.98 1.85
C LEU A 55 17.60 2.54 1.48
N THR A 56 17.98 1.79 2.51
CA THR A 56 18.44 0.42 2.36
C THR A 56 17.73 -0.46 3.35
N GLN A 57 17.67 -1.73 3.03
CA GLN A 57 17.22 -2.74 3.95
C GLN A 57 17.92 -2.57 5.32
N ARG A 58 19.24 -2.42 5.31
CA ARG A 58 19.98 -2.34 6.56
C ARG A 58 19.43 -1.22 7.42
N TYR A 59 19.32 -0.03 6.84
CA TYR A 59 18.78 1.08 7.57
C TYR A 59 17.47 0.70 8.25
N LEU A 60 16.50 0.25 7.46
CA LEU A 60 15.14 0.05 7.94
C LEU A 60 15.01 -1.04 9.00
N GLU A 61 15.84 -2.07 8.93
CA GLU A 61 15.88 -3.08 9.98
C GLU A 61 16.32 -2.50 11.32
N LYS A 62 17.12 -1.43 11.26
CA LYS A 62 17.70 -0.88 12.47
C LYS A 62 16.83 0.22 13.04
N HIS A 63 16.39 1.13 12.19
CA HIS A 63 15.59 2.27 12.63
C HIS A 63 14.08 2.04 12.47
N GLY A 64 13.74 0.98 11.76
CA GLY A 64 12.35 0.67 11.49
C GLY A 64 11.79 1.42 10.30
N PHE A 65 10.66 0.94 9.79
CA PHE A 65 9.93 1.61 8.74
C PHE A 65 8.54 1.94 9.27
N ASP A 66 8.45 2.87 10.20
CA ASP A 66 7.18 3.22 10.84
C ASP A 66 6.69 4.65 10.60
N VAL A 67 7.41 5.39 9.75
CA VAL A 67 7.01 6.73 9.34
C VAL A 67 7.30 6.93 7.86
N PRO A 68 6.53 7.78 7.17
CA PRO A 68 6.78 7.91 5.73
C PRO A 68 8.16 8.44 5.48
N ILE A 69 8.81 7.98 4.41
CA ILE A 69 10.13 8.44 4.06
C ILE A 69 10.06 9.21 2.77
N MET A 70 10.55 10.44 2.78
CA MET A 70 10.54 11.27 1.59
C MET A 70 11.94 11.34 0.98
N VAL A 71 12.03 11.07 -0.31
CA VAL A 71 13.29 11.08 -1.00
C VAL A 71 13.17 12.14 -2.10
N PRO A 72 13.66 13.37 -1.84
CA PRO A 72 13.45 14.49 -2.76
C PRO A 72 14.01 14.27 -4.15
N LYS A 73 15.20 13.69 -4.26
CA LYS A 73 15.77 13.45 -5.59
C LYS A 73 15.68 11.98 -5.85
N LEU A 74 15.49 11.60 -7.11
CA LEU A 74 15.35 10.19 -7.42
C LEU A 74 16.69 9.46 -7.60
N ASP A 75 17.78 10.15 -7.24
CA ASP A 75 19.13 9.57 -7.34
C ASP A 75 19.32 8.35 -6.45
N ASP A 76 19.86 7.28 -7.04
CA ASP A 76 20.20 6.07 -6.30
C ASP A 76 19.01 5.18 -5.84
N LEU A 77 17.79 5.54 -6.24
CA LEU A 77 16.66 4.74 -5.86
C LEU A 77 16.56 3.53 -6.76
N GLY A 78 17.15 3.62 -7.95
CA GLY A 78 17.00 2.57 -8.93
C GLY A 78 15.68 2.77 -9.67
N LEU A 79 15.05 3.90 -9.39
CA LEU A 79 13.79 4.26 -10.01
C LEU A 79 14.00 4.74 -11.43
N ARG A 80 13.61 3.94 -12.41
CA ARG A 80 13.73 4.35 -13.80
C ARG A 80 12.36 4.63 -14.42
N LEU A 81 12.14 5.86 -14.88
CA LEU A 81 10.87 6.21 -15.51
C LEU A 81 10.98 7.27 -16.60
N PRO A 82 9.95 7.37 -17.44
CA PRO A 82 9.89 8.33 -18.56
C PRO A 82 10.32 9.75 -18.18
N SER A 83 10.78 10.52 -19.16
CA SER A 83 11.07 11.94 -18.96
C SER A 83 9.82 12.68 -18.45
N PRO A 84 10.03 13.82 -17.77
CA PRO A 84 8.94 14.66 -17.24
C PRO A 84 7.95 15.15 -18.29
N THR A 85 8.12 14.77 -19.56
CA THR A 85 7.19 15.25 -20.60
C THR A 85 6.21 14.18 -21.02
N PHE A 86 6.40 12.96 -20.52
CA PHE A 86 5.52 11.85 -20.84
C PHE A 86 4.08 12.30 -20.60
N SER A 87 3.27 12.29 -21.65
CA SER A 87 1.93 12.85 -21.56
C SER A 87 0.90 11.76 -21.43
N VAL A 88 -0.31 12.18 -21.07
CA VAL A 88 -1.46 11.29 -20.99
C VAL A 88 -1.64 10.51 -22.31
N MET A 89 -1.30 11.17 -23.42
CA MET A 89 -1.44 10.58 -24.74
C MET A 89 -0.44 9.43 -24.96
N ASP A 90 0.78 9.63 -24.46
CA ASP A 90 1.81 8.60 -24.55
C ASP A 90 1.42 7.37 -23.74
N VAL A 91 0.81 7.59 -22.58
CA VAL A 91 0.31 6.44 -21.86
C VAL A 91 -0.67 5.71 -22.75
N GLU A 92 -1.59 6.44 -23.37
CA GLU A 92 -2.64 5.80 -24.15
C GLU A 92 -2.03 4.89 -25.20
N ARG A 93 -0.90 5.31 -25.77
CA ARG A 93 -0.22 4.51 -26.78
C ARG A 93 0.33 3.23 -26.19
N TYR A 94 1.34 3.37 -25.33
CA TYR A 94 2.04 2.24 -24.73
C TYR A 94 1.11 1.25 -24.05
N VAL A 95 0.01 1.72 -23.49
CA VAL A 95 -0.88 0.82 -22.78
C VAL A 95 -1.95 0.27 -23.70
N GLY A 96 -2.52 1.15 -24.53
CA GLY A 96 -3.58 0.79 -25.45
C GLY A 96 -4.92 1.39 -25.07
N GLY A 97 -5.33 2.41 -25.80
CA GLY A 97 -6.55 3.13 -25.50
C GLY A 97 -7.77 2.25 -25.31
N ASP A 98 -7.67 1.02 -25.81
CA ASP A 98 -8.81 0.11 -25.75
C ASP A 98 -9.06 -0.43 -24.35
N LYS A 99 -8.00 -0.48 -23.54
CA LYS A 99 -8.11 -1.01 -22.19
C LYS A 99 -9.22 -0.31 -21.39
N VAL A 100 -9.97 -1.07 -20.59
CA VAL A 100 -11.02 -0.48 -19.73
C VAL A 100 -10.53 -0.32 -18.30
N ILE A 101 -10.36 0.94 -17.90
CA ILE A 101 -9.73 1.23 -16.63
C ILE A 101 -10.75 1.70 -15.59
N ASP A 102 -10.43 1.51 -14.30
CA ASP A 102 -11.24 2.06 -13.24
C ASP A 102 -11.08 3.58 -13.15
N VAL A 103 -12.18 4.29 -12.99
CA VAL A 103 -12.14 5.75 -12.92
C VAL A 103 -13.01 6.24 -11.75
N ILE A 104 -12.50 7.17 -10.95
CA ILE A 104 -13.31 7.70 -9.86
C ILE A 104 -14.04 8.99 -10.22
N ASP A 105 -15.37 8.96 -10.06
CA ASP A 105 -16.18 10.16 -10.07
C ASP A 105 -15.97 10.81 -8.71
N VAL A 106 -15.06 11.78 -8.64
CA VAL A 106 -14.66 12.31 -7.34
C VAL A 106 -15.82 13.02 -6.63
N ALA A 107 -16.61 13.78 -7.37
CA ALA A 107 -17.80 14.40 -6.79
C ALA A 107 -18.78 13.38 -6.18
N ARG A 108 -18.91 12.20 -6.79
CA ARG A 108 -19.83 11.19 -6.28
C ARG A 108 -19.15 10.15 -5.36
N GLN A 109 -17.82 10.16 -5.34
CA GLN A 109 -17.05 9.13 -4.61
C GLN A 109 -17.51 7.71 -4.94
N ALA A 110 -17.57 7.40 -6.22
CA ALA A 110 -18.01 6.09 -6.68
C ALA A 110 -17.19 5.64 -7.86
N ASP A 111 -17.18 4.33 -8.10
CA ASP A 111 -16.38 3.76 -9.16
C ASP A 111 -17.10 3.66 -10.50
N SER A 112 -16.41 4.10 -11.54
CA SER A 112 -16.91 4.09 -12.88
C SER A 112 -15.92 3.34 -13.75
N LYS A 113 -16.31 3.13 -15.01
CA LYS A 113 -15.45 2.45 -15.96
C LYS A 113 -15.44 3.23 -17.25
N MET A 114 -14.34 3.17 -17.97
CA MET A 114 -14.29 3.73 -19.31
C MET A 114 -13.00 3.30 -19.97
N THR A 115 -12.87 3.61 -21.25
CA THR A 115 -11.71 3.21 -22.00
C THR A 115 -10.62 4.17 -21.65
N LEU A 116 -9.39 3.68 -21.60
CA LEU A 116 -8.27 4.56 -21.43
C LEU A 116 -8.36 5.69 -22.48
N HIS A 117 -8.85 5.35 -23.67
CA HIS A 117 -8.96 6.31 -24.78
C HIS A 117 -9.86 7.48 -24.42
N ASN A 118 -11.02 7.16 -23.85
CA ASN A 118 -11.91 8.21 -23.41
C ASN A 118 -11.37 9.04 -22.26
N TYR A 119 -10.79 8.40 -21.25
CA TYR A 119 -10.31 9.17 -20.13
C TYR A 119 -9.32 10.20 -20.65
N VAL A 120 -8.52 9.80 -21.64
CA VAL A 120 -7.56 10.72 -22.21
C VAL A 120 -8.27 11.86 -22.94
N LYS A 121 -9.38 11.55 -23.61
CA LYS A 121 -10.16 12.60 -24.24
C LYS A 121 -10.68 13.56 -23.17
N TYR A 122 -11.33 12.99 -22.16
CA TYR A 122 -11.87 13.76 -21.06
C TYR A 122 -10.79 14.63 -20.47
N PHE A 123 -9.62 14.04 -20.31
CA PHE A 123 -8.51 14.69 -19.66
C PHE A 123 -8.00 15.80 -20.54
N MET A 124 -7.81 15.48 -21.82
CA MET A 124 -7.08 16.36 -22.73
C MET A 124 -7.85 17.64 -23.01
N ASN A 125 -9.18 17.55 -22.86
CA ASN A 125 -10.04 18.70 -23.06
C ASN A 125 -10.10 19.55 -21.79
N PRO A 126 -9.91 20.87 -21.91
CA PRO A 126 -10.36 21.69 -20.79
C PRO A 126 -11.88 21.58 -20.80
N ASN A 127 -12.60 22.41 -20.08
CA ASN A 127 -14.05 22.19 -20.05
C ASN A 127 -14.38 20.78 -19.53
N ARG A 128 -13.75 20.38 -18.43
CA ARG A 128 -14.13 19.12 -17.80
C ARG A 128 -15.43 19.28 -17.06
N PRO A 129 -16.47 18.59 -17.54
CA PRO A 129 -17.80 18.70 -16.94
C PRO A 129 -17.80 18.11 -15.53
N LYS A 130 -16.80 17.28 -15.24
CA LYS A 130 -16.69 16.65 -13.92
C LYS A 130 -15.25 16.24 -13.59
N VAL A 131 -15.01 15.93 -12.33
CA VAL A 131 -13.67 15.62 -11.83
C VAL A 131 -13.44 14.11 -11.76
N LEU A 132 -12.52 13.61 -12.58
CA LEU A 132 -12.33 12.17 -12.71
C LEU A 132 -10.88 11.74 -12.49
N ASN A 133 -10.70 10.75 -11.62
CA ASN A 133 -9.39 10.27 -11.21
C ASN A 133 -9.07 8.85 -11.67
N VAL A 134 -7.79 8.59 -11.99
CA VAL A 134 -7.30 7.25 -12.29
C VAL A 134 -6.14 6.91 -11.34
N ILE A 135 -6.38 6.01 -10.40
CA ILE A 135 -5.38 5.68 -9.40
C ILE A 135 -5.00 4.20 -9.35
N SER A 136 -5.65 3.38 -10.18
CA SER A 136 -5.48 1.94 -10.08
C SER A 136 -5.01 1.27 -11.36
N LEU A 137 -4.50 2.05 -12.30
CA LEU A 137 -4.12 1.50 -13.60
C LEU A 137 -2.77 0.77 -13.59
N GLU A 138 -2.81 -0.51 -13.24
CA GLU A 138 -1.64 -1.36 -13.23
C GLU A 138 -1.24 -1.76 -14.65
N PHE A 139 0.02 -1.54 -15.02
CA PHE A 139 0.46 -1.69 -16.41
C PHE A 139 1.67 -2.61 -16.63
N SER A 140 1.85 -3.59 -15.75
CA SER A 140 2.95 -4.55 -15.89
C SER A 140 2.92 -5.26 -17.23
N ASP A 141 1.75 -5.73 -17.62
CA ASP A 141 1.56 -6.46 -18.86
C ASP A 141 1.15 -5.52 -19.98
N THR A 142 2.05 -4.65 -20.41
CA THR A 142 1.79 -3.70 -21.48
C THR A 142 3.11 -3.21 -22.05
N LYS A 143 3.06 -2.63 -23.25
CA LYS A 143 4.27 -2.01 -23.81
C LYS A 143 4.90 -1.08 -22.78
N MET A 144 4.09 -0.43 -21.94
CA MET A 144 4.59 0.62 -21.05
C MET A 144 5.52 0.12 -19.93
N SER A 145 5.35 -1.13 -19.52
CA SER A 145 6.14 -1.70 -18.44
C SER A 145 7.64 -1.58 -18.66
N GLU A 146 8.08 -1.72 -19.91
CA GLU A 146 9.50 -1.69 -20.22
C GLU A 146 10.10 -0.36 -19.78
N LEU A 147 9.26 0.66 -19.74
CA LEU A 147 9.72 2.03 -19.50
C LEU A 147 9.88 2.36 -18.01
N VAL A 148 9.57 1.39 -17.15
CA VAL A 148 9.56 1.66 -15.71
C VAL A 148 10.24 0.58 -14.86
N GLU A 149 11.21 0.98 -14.04
CA GLU A 149 11.73 0.09 -13.00
C GLU A 149 11.48 0.70 -11.62
N VAL A 150 10.84 -0.06 -10.73
CA VAL A 150 10.49 0.39 -9.39
C VAL A 150 11.70 0.53 -8.47
N PRO A 151 11.61 1.39 -7.44
CA PRO A 151 12.69 1.57 -6.48
C PRO A 151 13.28 0.25 -6.01
N ASP A 152 14.59 0.09 -6.10
CA ASP A 152 15.27 -1.12 -5.65
C ASP A 152 14.82 -1.56 -4.27
N ILE A 153 14.64 -0.58 -3.39
CA ILE A 153 14.19 -0.85 -2.03
C ILE A 153 12.83 -1.58 -1.98
N ALA A 154 11.85 -1.16 -2.78
CA ALA A 154 10.59 -1.92 -2.89
C ALA A 154 10.82 -3.35 -3.36
N LYS A 155 11.71 -3.55 -4.32
CA LYS A 155 12.01 -4.90 -4.78
C LYS A 155 12.77 -5.74 -3.75
N LYS A 156 13.54 -5.09 -2.89
CA LYS A 156 14.35 -5.82 -1.92
C LYS A 156 13.48 -6.32 -0.78
N LEU A 157 12.51 -5.50 -0.38
CA LEU A 157 11.65 -5.85 0.72
C LEU A 157 10.45 -6.74 0.34
N SER A 158 10.02 -6.65 -0.90
CA SER A 158 8.74 -7.23 -1.34
C SER A 158 8.62 -8.75 -1.21
N TRP A 159 7.58 -9.19 -0.52
CA TRP A 159 7.25 -10.62 -0.45
C TRP A 159 7.09 -11.33 -1.82
N VAL A 160 6.63 -10.61 -2.82
CA VAL A 160 6.45 -11.23 -4.11
C VAL A 160 7.80 -11.51 -4.75
N GLU A 161 8.71 -10.55 -4.61
CA GLU A 161 10.08 -10.65 -5.12
C GLU A 161 10.91 -11.68 -4.39
N ASN A 162 10.61 -11.89 -3.12
CA ASN A 162 11.44 -12.74 -2.29
C ASN A 162 10.93 -14.14 -2.00
N TYR A 163 9.61 -14.31 -1.92
CA TYR A 163 9.10 -15.57 -1.40
C TYR A 163 8.04 -16.25 -2.24
N TRP A 164 7.81 -15.78 -3.46
CA TRP A 164 6.76 -16.38 -4.28
C TRP A 164 7.33 -17.46 -5.20
N PRO A 165 7.02 -18.74 -4.91
CA PRO A 165 7.55 -19.85 -5.71
C PRO A 165 7.18 -19.74 -7.18
N ASP A 166 8.12 -20.13 -8.04
CA ASP A 166 7.88 -20.21 -9.47
C ASP A 166 6.89 -21.34 -9.87
N ASP A 167 6.40 -22.07 -8.88
CA ASP A 167 5.58 -23.23 -9.18
C ASP A 167 4.33 -23.36 -8.29
N SER A 168 3.66 -22.25 -8.02
CA SER A 168 2.40 -22.34 -7.29
C SER A 168 1.23 -22.24 -8.25
N VAL A 169 0.03 -22.51 -7.76
CA VAL A 169 -1.14 -22.44 -8.62
C VAL A 169 -1.67 -21.02 -8.62
N PHE A 170 -1.50 -20.37 -7.48
CA PHE A 170 -1.91 -18.99 -7.36
C PHE A 170 -1.10 -18.16 -8.35
N PRO A 171 -1.80 -17.37 -9.17
CA PRO A 171 -1.08 -16.42 -10.03
C PRO A 171 -0.36 -15.39 -9.17
N LYS A 172 0.76 -14.88 -9.66
CA LYS A 172 1.52 -13.89 -8.92
C LYS A 172 0.74 -12.56 -8.96
N PRO A 173 0.62 -11.88 -7.79
CA PRO A 173 -0.11 -10.61 -7.74
C PRO A 173 0.69 -9.58 -8.50
N PHE A 174 0.05 -8.85 -9.41
CA PHE A 174 0.72 -7.74 -10.06
C PHE A 174 0.16 -6.41 -9.59
N VAL A 175 0.93 -5.79 -8.69
CA VAL A 175 0.52 -4.58 -8.02
C VAL A 175 1.73 -3.73 -7.75
N GLN A 176 2.73 -3.84 -8.62
CA GLN A 176 3.99 -3.16 -8.39
C GLN A 176 4.14 -1.91 -9.24
N LYS A 177 3.47 -1.90 -10.39
CA LYS A 177 3.56 -0.76 -11.30
C LYS A 177 2.19 -0.18 -11.59
N TYR A 178 1.87 0.95 -10.95
CA TYR A 178 0.64 1.68 -11.23
C TYR A 178 0.96 3.00 -11.88
N CYS A 179 0.10 3.39 -12.81
CA CYS A 179 0.19 4.73 -13.39
C CYS A 179 -1.02 5.51 -12.94
N LEU A 180 -0.80 6.70 -12.39
CA LEU A 180 -1.87 7.52 -11.83
C LEU A 180 -2.00 8.79 -12.61
N MET A 181 -3.17 9.02 -13.20
CA MET A 181 -3.42 10.31 -13.81
C MET A 181 -4.61 10.86 -13.09
N GLY A 182 -4.61 12.17 -12.82
CA GLY A 182 -5.70 12.77 -12.09
C GLY A 182 -5.82 14.26 -12.36
N VAL A 183 -7.04 14.78 -12.45
CA VAL A 183 -7.20 16.19 -12.71
C VAL A 183 -7.20 16.98 -11.40
N GLN A 184 -7.05 18.29 -11.53
CA GLN A 184 -7.06 19.14 -10.35
C GLN A 184 -8.34 18.86 -9.57
N ASP A 185 -8.16 18.73 -8.26
CA ASP A 185 -9.26 18.52 -7.34
C ASP A 185 -9.75 17.08 -7.26
N SER A 186 -9.09 16.18 -7.97
CA SER A 186 -9.29 14.76 -7.68
C SER A 186 -8.96 14.56 -6.21
N TYR A 187 -9.75 13.74 -5.53
CA TYR A 187 -9.52 13.52 -4.13
C TYR A 187 -9.82 12.08 -3.78
N THR A 188 -8.93 11.41 -3.07
CA THR A 188 -9.24 10.10 -2.54
C THR A 188 -9.38 10.17 -1.02
N ASP A 189 -10.44 9.57 -0.50
CA ASP A 189 -10.71 9.65 0.92
C ASP A 189 -9.83 8.71 1.75
N PHE A 190 -9.84 8.92 3.06
CA PHE A 190 -8.99 8.18 3.97
C PHE A 190 -9.16 6.67 3.90
N HIS A 191 -8.09 5.97 3.54
CA HIS A 191 -8.14 4.51 3.50
C HIS A 191 -6.81 3.96 3.95
N ILE A 192 -6.77 2.66 4.16
CA ILE A 192 -5.51 1.99 4.43
C ILE A 192 -5.27 1.11 3.22
N ASP A 193 -4.05 1.08 2.71
CA ASP A 193 -3.87 0.37 1.48
C ASP A 193 -4.21 -1.10 1.63
N PHE A 194 -4.69 -1.69 0.55
CA PHE A 194 -5.08 -3.09 0.57
C PHE A 194 -4.03 -4.02 1.18
N GLY A 195 -4.49 -4.87 2.09
CA GLY A 195 -3.63 -5.87 2.72
C GLY A 195 -2.63 -5.27 3.67
N GLY A 196 -2.71 -3.97 3.88
CA GLY A 196 -1.75 -3.31 4.73
C GLY A 196 -0.41 -3.14 4.05
N THR A 197 -0.40 -3.11 2.72
CA THR A 197 0.85 -2.91 1.99
C THR A 197 1.41 -1.52 2.14
N SER A 198 2.73 -1.42 2.02
CA SER A 198 3.43 -0.16 1.96
C SER A 198 3.37 0.31 0.51
N VAL A 199 3.70 1.57 0.25
CA VAL A 199 3.74 2.05 -1.11
C VAL A 199 4.89 2.98 -1.36
N TRP A 200 5.22 3.17 -2.63
CA TRP A 200 5.99 4.32 -3.02
C TRP A 200 5.16 5.11 -4.02
N TYR A 201 5.35 6.41 -4.05
CA TYR A 201 4.72 7.23 -5.05
C TYR A 201 5.73 8.22 -5.58
N HIS A 202 5.72 8.41 -6.89
CA HIS A 202 6.56 9.38 -7.57
C HIS A 202 5.71 10.27 -8.47
N VAL A 203 5.77 11.58 -8.24
CA VAL A 203 5.06 12.52 -9.08
C VAL A 203 5.89 12.89 -10.30
N LEU A 204 5.40 12.59 -11.51
CA LEU A 204 6.19 12.89 -12.71
C LEU A 204 6.01 14.35 -13.10
N TRP A 205 4.76 14.80 -13.15
CA TRP A 205 4.43 16.22 -13.11
C TRP A 205 3.15 16.44 -12.33
N GLY A 206 2.83 17.70 -12.07
CA GLY A 206 1.69 18.01 -11.23
C GLY A 206 2.06 17.95 -9.76
N GLU A 207 1.09 17.71 -8.92
CA GLU A 207 1.35 17.79 -7.50
C GLU A 207 0.27 17.03 -6.80
N LYS A 208 0.66 16.17 -5.87
CA LYS A 208 -0.29 15.44 -5.03
C LYS A 208 -0.03 15.86 -3.61
N ILE A 209 -1.06 15.86 -2.77
CA ILE A 209 -0.89 16.22 -1.37
C ILE A 209 -1.46 15.12 -0.51
N PHE A 210 -0.62 14.45 0.27
CA PHE A 210 -1.13 13.38 1.11
C PHE A 210 -1.49 13.89 2.49
N TYR A 211 -2.58 13.38 3.03
CA TYR A 211 -2.93 13.67 4.40
C TYR A 211 -2.74 12.38 5.13
N LEU A 212 -1.84 12.39 6.12
CA LEU A 212 -1.38 11.15 6.73
C LEU A 212 -1.69 11.06 8.20
N ILE A 213 -2.11 9.87 8.61
CA ILE A 213 -2.55 9.65 9.96
C ILE A 213 -1.85 8.41 10.49
N LYS A 214 -1.11 8.59 11.57
CA LYS A 214 -0.43 7.49 12.24
C LYS A 214 -1.39 6.37 12.68
N PRO A 215 -0.99 5.11 12.46
CA PRO A 215 -1.75 3.92 12.87
C PRO A 215 -1.66 3.62 14.36
N THR A 216 -1.92 4.59 15.22
CA THR A 216 -1.99 4.31 16.65
C THR A 216 -3.21 3.42 16.84
N ASP A 217 -3.43 2.90 18.04
CA ASP A 217 -4.62 2.07 18.21
C ASP A 217 -5.88 2.95 18.25
N GLU A 218 -5.76 4.11 18.88
CA GLU A 218 -6.84 5.08 18.91
C GLU A 218 -7.32 5.30 17.48
N ASN A 219 -6.38 5.62 16.60
CA ASN A 219 -6.74 5.92 15.23
C ASN A 219 -7.29 4.74 14.42
N LEU A 220 -6.61 3.58 14.44
CA LEU A 220 -7.13 2.43 13.71
C LEU A 220 -8.57 2.18 14.10
N ALA A 221 -8.79 1.97 15.39
CA ALA A 221 -10.14 1.75 15.89
C ALA A 221 -11.11 2.82 15.38
N ARG A 222 -10.74 4.09 15.51
CA ARG A 222 -11.61 5.16 15.03
C ARG A 222 -11.85 5.04 13.52
N TYR A 223 -10.92 4.43 12.81
CA TYR A 223 -11.02 4.35 11.37
C TYR A 223 -11.96 3.23 10.98
N GLU A 224 -11.88 2.13 11.70
CA GLU A 224 -12.81 1.05 11.47
C GLU A 224 -14.24 1.52 11.75
N SER A 225 -14.42 2.30 12.81
CA SER A 225 -15.73 2.84 13.13
C SER A 225 -16.25 3.72 12.02
N TRP A 226 -15.45 4.70 11.63
CA TRP A 226 -15.85 5.66 10.62
C TRP A 226 -16.10 4.93 9.31
N SER A 227 -15.36 3.86 9.07
CA SER A 227 -15.45 3.15 7.81
C SER A 227 -16.82 2.47 7.63
N SER A 228 -17.42 2.11 8.76
CA SER A 228 -18.68 1.41 8.78
C SER A 228 -19.82 2.26 9.40
N SER A 229 -19.63 3.57 9.35
CA SER A 229 -20.66 4.50 9.71
C SER A 229 -21.27 4.95 8.39
N VAL A 230 -22.57 5.21 8.38
CA VAL A 230 -23.22 5.60 7.14
C VAL A 230 -22.95 7.07 6.85
N THR A 231 -22.50 7.79 7.89
CA THR A 231 -22.13 9.19 7.74
C THR A 231 -20.71 9.37 7.20
N GLN A 232 -20.02 8.28 6.90
CA GLN A 232 -18.64 8.35 6.41
C GLN A 232 -18.32 9.50 5.43
N SER A 233 -19.13 9.71 4.42
CA SER A 233 -18.77 10.67 3.39
C SER A 233 -19.11 12.13 3.77
N GLU A 234 -19.75 12.31 4.91
CA GLU A 234 -20.14 13.63 5.42
C GLU A 234 -19.25 14.03 6.59
N VAL A 235 -18.42 13.09 7.03
CA VAL A 235 -17.49 13.30 8.13
C VAL A 235 -16.06 13.19 7.64
N PHE A 236 -15.30 14.28 7.82
CA PHE A 236 -13.91 14.33 7.45
C PHE A 236 -13.09 13.65 8.54
N PHE A 237 -12.55 12.48 8.23
CA PHE A 237 -11.89 11.65 9.23
C PHE A 237 -10.65 12.30 9.85
N GLY A 238 -10.11 13.31 9.18
CA GLY A 238 -9.03 14.09 9.76
C GLY A 238 -9.40 14.75 11.09
N ASP A 239 -10.67 15.15 11.21
CA ASP A 239 -11.15 15.81 12.43
C ASP A 239 -11.21 14.84 13.61
N LYS A 240 -11.12 13.54 13.33
CA LYS A 240 -11.40 12.54 14.34
C LYS A 240 -10.17 12.05 15.08
N VAL A 241 -9.01 12.58 14.69
CA VAL A 241 -7.74 12.19 15.29
C VAL A 241 -6.95 13.44 15.65
N ASP A 242 -5.98 13.30 16.56
CA ASP A 242 -5.22 14.45 17.05
C ASP A 242 -4.33 15.03 15.96
N LYS A 243 -3.69 14.17 15.19
CA LYS A 243 -2.82 14.69 14.15
C LYS A 243 -3.04 14.10 12.77
N CYS A 244 -3.34 14.99 11.83
CA CYS A 244 -3.49 14.64 10.43
C CYS A 244 -2.46 15.39 9.61
N TYR A 245 -1.37 14.74 9.24
CA TYR A 245 -0.22 15.45 8.65
C TYR A 245 -0.33 15.72 7.15
N LYS A 246 -0.05 16.95 6.76
CA LYS A 246 -0.07 17.30 5.35
C LYS A 246 1.31 17.17 4.72
N CYS A 247 1.38 16.41 3.65
CA CYS A 247 2.63 16.17 2.95
C CYS A 247 2.45 16.45 1.47
N VAL A 248 3.10 17.50 0.99
CA VAL A 248 3.00 17.91 -0.40
C VAL A 248 4.06 17.22 -1.23
N VAL A 249 3.66 16.32 -2.11
CA VAL A 249 4.61 15.66 -2.98
C VAL A 249 4.73 16.37 -4.33
N LYS A 250 5.84 17.07 -4.56
CA LYS A 250 6.03 17.82 -5.79
C LYS A 250 6.75 17.04 -6.88
N GLN A 251 6.75 17.59 -8.08
CA GLN A 251 7.40 16.98 -9.24
C GLN A 251 8.80 16.42 -8.93
N GLY A 252 8.99 15.13 -9.14
CA GLY A 252 10.30 14.54 -9.01
C GLY A 252 10.62 13.98 -7.64
N HIS A 253 9.78 14.25 -6.64
CA HIS A 253 10.01 13.70 -5.30
C HIS A 253 9.49 12.28 -5.20
N THR A 254 9.86 11.57 -4.14
CA THR A 254 9.37 10.19 -3.98
C THR A 254 8.90 9.87 -2.56
N LEU A 255 7.59 9.71 -2.39
CA LEU A 255 7.08 9.38 -1.07
C LEU A 255 7.04 7.88 -0.86
N PHE A 256 7.40 7.44 0.34
CA PHE A 256 7.27 6.04 0.72
C PHE A 256 6.40 5.97 1.94
N VAL A 257 5.26 5.30 1.84
CA VAL A 257 4.37 5.19 2.98
C VAL A 257 4.34 3.76 3.49
N PRO A 258 4.63 3.59 4.79
CA PRO A 258 4.72 2.30 5.48
C PRO A 258 3.37 1.74 5.96
N THR A 259 3.45 0.48 6.39
CA THR A 259 2.31 -0.33 6.76
C THR A 259 1.26 0.35 7.62
N GLY A 260 0.00 0.24 7.21
CA GLY A 260 -1.13 0.67 8.02
C GLY A 260 -1.44 2.15 8.07
N TRP A 261 -0.76 2.95 7.28
CA TRP A 261 -0.91 4.39 7.45
C TRP A 261 -2.18 4.86 6.78
N ILE A 262 -3.02 5.54 7.57
CA ILE A 262 -4.27 6.06 7.07
C ILE A 262 -4.02 7.36 6.32
N HIS A 263 -4.41 7.42 5.05
CA HIS A 263 -4.13 8.59 4.25
C HIS A 263 -5.18 8.91 3.21
N ALA A 264 -5.39 10.20 2.99
CA ALA A 264 -6.24 10.74 1.93
C ALA A 264 -5.28 11.41 0.96
N VAL A 265 -5.73 11.76 -0.24
CA VAL A 265 -4.85 12.36 -1.24
C VAL A 265 -5.61 13.41 -2.02
N LEU A 266 -4.97 14.54 -2.28
CA LEU A 266 -5.58 15.57 -3.10
C LEU A 266 -4.72 15.81 -4.32
N THR A 267 -5.32 15.81 -5.48
CA THR A 267 -4.60 16.09 -6.71
C THR A 267 -4.77 17.58 -6.94
N SER A 268 -3.81 18.37 -6.46
CA SER A 268 -3.94 19.80 -6.42
C SER A 268 -3.69 20.40 -7.78
N GLN A 269 -3.05 19.63 -8.64
CA GLN A 269 -2.78 20.08 -10.01
C GLN A 269 -2.92 18.86 -10.88
N ASP A 270 -3.21 19.05 -12.16
CA ASP A 270 -3.21 17.93 -13.09
C ASP A 270 -1.91 17.15 -12.91
N CYS A 271 -2.03 15.88 -12.60
CA CYS A 271 -0.87 15.11 -12.18
C CYS A 271 -0.75 13.74 -12.86
N MET A 272 0.48 13.32 -13.09
CA MET A 272 0.78 11.95 -13.45
C MET A 272 1.79 11.47 -12.43
N ALA A 273 1.50 10.33 -11.82
CA ALA A 273 2.39 9.78 -10.82
C ALA A 273 2.62 8.30 -11.11
N PHE A 274 3.62 7.72 -10.46
CA PHE A 274 3.82 6.29 -10.55
C PHE A 274 3.99 5.75 -9.15
N GLY A 275 3.61 4.50 -8.96
CA GLY A 275 3.65 3.90 -7.64
C GLY A 275 3.54 2.40 -7.69
N GLY A 276 3.54 1.80 -6.51
CA GLY A 276 3.58 0.36 -6.38
C GLY A 276 3.41 -0.03 -4.95
N ASN A 277 2.88 -1.22 -4.75
CA ASN A 277 2.57 -1.71 -3.41
C ASN A 277 3.38 -2.96 -3.09
N PHE A 278 3.69 -3.18 -1.83
CA PHE A 278 4.48 -4.34 -1.48
C PHE A 278 4.37 -4.66 0.00
N LEU A 279 4.40 -5.95 0.31
CA LEU A 279 4.47 -6.42 1.69
C LEU A 279 5.92 -6.78 2.01
N HIS A 280 6.26 -6.76 3.29
CA HIS A 280 7.62 -7.06 3.69
C HIS A 280 7.62 -7.56 5.10
N ASN A 281 8.81 -7.81 5.64
CA ASN A 281 8.96 -8.49 6.91
C ASN A 281 8.98 -7.60 8.15
N LEU A 282 9.05 -6.29 7.96
CA LEU A 282 9.28 -5.38 9.08
C LEU A 282 8.06 -5.20 10.01
N ASN A 283 6.88 -5.02 9.45
CA ASN A 283 5.67 -4.81 10.25
C ASN A 283 4.61 -5.85 9.94
N ILE A 284 4.98 -7.11 10.08
CA ILE A 284 4.08 -8.21 9.78
C ILE A 284 2.83 -8.13 10.64
N GLY A 285 2.99 -7.70 11.89
CA GLY A 285 1.86 -7.57 12.80
C GLY A 285 0.84 -6.56 12.30
N MET A 286 1.30 -5.37 11.96
CA MET A 286 0.40 -4.37 11.42
C MET A 286 -0.22 -4.82 10.09
N GLN A 287 0.51 -5.61 9.30
CA GLN A 287 -0.03 -6.11 8.03
C GLN A 287 -1.21 -7.04 8.25
N LEU A 288 -1.08 -7.91 9.24
CA LEU A 288 -2.15 -8.83 9.58
C LEU A 288 -3.33 -8.08 10.13
N ARG A 289 -3.10 -7.18 11.09
CA ARG A 289 -4.18 -6.40 11.69
C ARG A 289 -4.99 -5.77 10.59
N CYS A 290 -4.31 -5.24 9.58
CA CYS A 290 -4.98 -4.53 8.52
C CYS A 290 -5.76 -5.47 7.63
N TYR A 291 -5.22 -6.64 7.39
CA TYR A 291 -5.91 -7.62 6.58
C TYR A 291 -7.20 -8.04 7.29
N GLU A 292 -7.08 -8.41 8.56
CA GLU A 292 -8.22 -8.89 9.33
C GLU A 292 -9.25 -7.79 9.51
N MET A 293 -8.81 -6.55 9.43
CA MET A 293 -9.76 -5.47 9.52
C MET A 293 -10.50 -5.32 8.20
N GLU A 294 -9.78 -5.49 7.10
CA GLU A 294 -10.39 -5.35 5.80
C GLU A 294 -11.31 -6.53 5.51
N LYS A 295 -11.08 -7.64 6.20
CA LYS A 295 -12.04 -8.73 6.13
C LYS A 295 -13.33 -8.28 6.82
N ARG A 296 -13.21 -7.77 8.04
CA ARG A 296 -14.37 -7.29 8.78
C ARG A 296 -15.17 -6.25 8.00
N LEU A 297 -14.48 -5.42 7.24
CA LEU A 297 -15.17 -4.33 6.56
C LEU A 297 -15.64 -4.76 5.18
N LYS A 298 -15.30 -5.98 4.80
CA LYS A 298 -15.57 -6.47 3.44
C LYS A 298 -15.09 -5.52 2.35
N THR A 299 -13.81 -5.16 2.34
CA THR A 299 -13.32 -4.20 1.35
C THR A 299 -13.07 -4.82 -0.02
N PRO A 300 -13.66 -4.24 -1.06
CA PRO A 300 -13.38 -4.69 -2.42
C PRO A 300 -11.90 -4.52 -2.81
N ASP A 301 -11.22 -3.52 -2.23
CA ASP A 301 -9.78 -3.29 -2.41
C ASP A 301 -9.00 -4.61 -2.36
N LEU A 302 -9.35 -5.43 -1.38
CA LEU A 302 -8.68 -6.70 -1.11
C LEU A 302 -8.65 -7.68 -2.30
N PHE A 303 -9.39 -7.37 -3.35
CA PHE A 303 -9.41 -8.22 -4.54
C PHE A 303 -8.19 -7.94 -5.43
N LYS A 304 -7.36 -6.98 -5.03
CA LYS A 304 -6.13 -6.67 -5.76
C LYS A 304 -5.00 -7.59 -5.28
N PHE A 305 -5.14 -8.06 -4.03
CA PHE A 305 -4.18 -9.00 -3.48
C PHE A 305 -4.92 -10.20 -2.92
N PRO A 306 -5.48 -11.02 -3.83
CA PRO A 306 -6.46 -12.07 -3.54
C PRO A 306 -5.85 -13.15 -2.69
N PHE A 307 -4.56 -13.41 -2.89
CA PHE A 307 -3.89 -14.50 -2.18
C PHE A 307 -2.90 -14.01 -1.13
N PHE A 308 -3.31 -12.98 -0.40
CA PHE A 308 -2.57 -12.53 0.76
C PHE A 308 -2.22 -13.69 1.67
N GLU A 309 -3.20 -14.52 1.95
CA GLU A 309 -2.96 -15.59 2.91
C GLU A 309 -1.90 -16.56 2.43
N ALA A 310 -1.93 -16.88 1.14
CA ALA A 310 -0.97 -17.81 0.57
C ALA A 310 0.45 -17.32 0.81
N ILE A 311 0.71 -16.06 0.47
CA ILE A 311 2.04 -15.48 0.64
C ILE A 311 2.46 -15.55 2.11
N CYS A 312 1.50 -15.32 3.02
CA CYS A 312 1.75 -15.43 4.45
C CYS A 312 2.26 -16.79 4.88
N TRP A 313 1.73 -17.84 4.25
CA TRP A 313 2.22 -19.18 4.52
C TRP A 313 3.65 -19.31 4.03
N PHE A 314 3.88 -18.82 2.82
CA PHE A 314 5.19 -18.96 2.21
C PHE A 314 6.22 -18.24 3.07
N VAL A 315 5.80 -17.09 3.59
CA VAL A 315 6.63 -16.28 4.45
C VAL A 315 6.94 -16.94 5.78
N ALA A 316 6.00 -17.67 6.35
CA ALA A 316 6.22 -18.29 7.65
C ALA A 316 7.18 -19.47 7.52
N LYS A 317 7.18 -20.11 6.37
CA LYS A 317 8.18 -21.11 6.05
C LYS A 317 9.59 -20.49 6.13
N ASN A 318 9.83 -19.48 5.30
CA ASN A 318 11.12 -18.82 5.29
C ASN A 318 11.49 -18.22 6.62
N LEU A 319 10.57 -17.53 7.27
CA LEU A 319 10.89 -16.96 8.57
C LEU A 319 11.22 -18.04 9.61
N LEU A 320 10.48 -19.16 9.60
CA LEU A 320 10.81 -20.28 10.47
C LEU A 320 12.25 -20.74 10.26
N GLU A 321 12.61 -20.99 9.00
CA GLU A 321 13.95 -21.45 8.65
C GLU A 321 15.09 -20.56 9.18
N THR A 322 14.88 -19.25 9.13
CA THR A 322 15.85 -18.29 9.64
C THR A 322 15.98 -18.40 11.15
N LEU A 323 14.86 -18.53 11.84
CA LEU A 323 14.90 -18.62 13.30
C LEU A 323 15.47 -19.96 13.76
N LYS A 324 15.26 -21.00 12.94
CA LYS A 324 15.84 -22.30 13.21
C LYS A 324 17.36 -22.19 13.13
N GLU A 325 17.86 -21.47 12.14
CA GLU A 325 19.31 -21.31 11.98
C GLU A 325 19.93 -20.48 13.10
N LEU A 326 19.22 -19.44 13.55
CA LEU A 326 19.73 -18.65 14.65
C LEU A 326 19.71 -19.45 15.96
N ARG A 327 18.68 -20.26 16.20
CA ARG A 327 18.62 -20.98 17.46
C ARG A 327 19.68 -22.07 17.51
N GLU A 328 19.84 -22.78 16.38
CA GLU A 328 20.82 -23.86 16.30
C GLU A 328 22.25 -23.38 16.49
N ASP A 329 22.45 -22.07 16.51
CA ASP A 329 23.79 -21.54 16.64
C ASP A 329 23.96 -20.62 17.84
N GLY A 330 22.99 -20.62 18.76
CA GLY A 330 23.02 -19.80 19.95
C GLY A 330 22.76 -18.30 19.83
N PHE A 331 22.49 -17.83 18.60
CA PHE A 331 22.23 -16.41 18.34
C PHE A 331 20.81 -15.93 18.72
N GLN A 332 20.70 -14.64 18.98
CA GLN A 332 19.41 -14.03 19.32
C GLN A 332 18.87 -13.28 18.11
N PRO A 333 17.60 -13.54 17.75
CA PRO A 333 16.99 -12.94 16.58
C PRO A 333 16.56 -11.52 16.87
N GLN A 334 16.56 -10.67 15.85
CA GLN A 334 16.12 -9.30 16.03
C GLN A 334 14.68 -9.24 16.53
N THR A 335 14.33 -8.14 17.19
CA THR A 335 13.00 -7.97 17.73
C THR A 335 11.90 -8.11 16.69
N TYR A 336 12.08 -7.45 15.54
CA TYR A 336 11.01 -7.37 14.57
C TYR A 336 10.65 -8.73 13.99
N LEU A 337 11.60 -9.64 14.06
CA LEU A 337 11.38 -11.00 13.57
C LEU A 337 10.62 -11.85 14.58
N VAL A 338 10.85 -11.60 15.86
CA VAL A 338 10.11 -12.31 16.89
C VAL A 338 8.67 -11.83 16.85
N GLN A 339 8.49 -10.52 16.86
CA GLN A 339 7.15 -9.91 16.81
C GLN A 339 6.37 -10.43 15.61
N GLY A 340 6.97 -10.28 14.43
CA GLY A 340 6.35 -10.75 13.20
C GLY A 340 6.00 -12.23 13.21
N VAL A 341 6.90 -13.07 13.70
CA VAL A 341 6.62 -14.50 13.69
C VAL A 341 5.48 -14.84 14.65
N LYS A 342 5.55 -14.33 15.87
CA LYS A 342 4.44 -14.46 16.80
C LYS A 342 3.12 -14.06 16.13
N ALA A 343 3.17 -12.99 15.36
CA ALA A 343 1.99 -12.47 14.69
C ALA A 343 1.50 -13.43 13.60
N LEU A 344 2.42 -13.94 12.77
CA LEU A 344 2.06 -14.92 11.75
C LEU A 344 1.42 -16.14 12.37
N HIS A 345 2.00 -16.56 13.48
CA HIS A 345 1.57 -17.74 14.18
C HIS A 345 0.12 -17.56 14.63
N THR A 346 -0.17 -16.41 15.23
CA THR A 346 -1.51 -16.17 15.70
C THR A 346 -2.52 -16.26 14.56
N ALA A 347 -2.13 -15.74 13.40
CA ALA A 347 -3.03 -15.69 12.26
C ALA A 347 -3.13 -17.02 11.52
N LEU A 348 -2.06 -17.79 11.44
CA LEU A 348 -2.17 -19.11 10.82
C LEU A 348 -3.08 -19.98 11.69
N LYS A 349 -2.86 -19.91 12.99
CA LYS A 349 -3.65 -20.68 13.94
C LYS A 349 -5.14 -20.34 13.80
N LEU A 350 -5.44 -19.05 13.69
CA LEU A 350 -6.81 -18.57 13.54
C LEU A 350 -7.42 -19.16 12.27
N TRP A 351 -6.75 -18.99 11.15
CA TRP A 351 -7.27 -19.47 9.88
C TRP A 351 -7.47 -20.99 9.83
N MET A 352 -6.96 -21.70 10.82
CA MET A 352 -7.03 -23.16 10.83
C MET A 352 -8.12 -23.73 11.74
N LYS A 353 -8.61 -22.92 12.69
CA LYS A 353 -9.72 -23.32 13.54
C LYS A 353 -10.79 -24.04 12.72
N LYS A 354 -11.26 -25.16 13.24
CA LYS A 354 -12.18 -26.06 12.53
C LYS A 354 -13.38 -25.31 11.94
N GLU A 355 -13.87 -24.32 12.67
CA GLU A 355 -15.04 -23.54 12.25
C GLU A 355 -14.78 -22.57 11.09
N LEU A 356 -13.57 -22.01 11.06
CA LEU A 356 -13.21 -21.02 10.06
C LEU A 356 -12.50 -21.67 8.88
N VAL A 357 -12.02 -22.89 9.09
CA VAL A 357 -11.09 -23.49 8.13
C VAL A 357 -11.65 -23.70 6.73
N SER A 358 -12.97 -23.77 6.57
CA SER A 358 -13.58 -24.05 5.26
C SER A 358 -13.31 -22.97 4.21
N GLU A 359 -13.03 -21.75 4.65
CA GLU A 359 -12.86 -20.63 3.74
C GLU A 359 -11.40 -20.13 3.66
N HIS A 360 -10.51 -20.78 4.38
CA HIS A 360 -9.11 -20.41 4.36
C HIS A 360 -8.30 -21.49 3.67
N ALA A 361 -8.87 -22.69 3.63
CA ALA A 361 -8.17 -23.89 3.17
C ALA A 361 -7.67 -23.76 1.75
N PHE A 362 -8.38 -23.00 0.92
CA PHE A 362 -7.95 -22.92 -0.48
C PHE A 362 -6.68 -22.08 -0.68
N GLU A 363 -6.39 -21.19 0.29
CA GLU A 363 -5.17 -20.36 0.25
C GLU A 363 -3.95 -21.14 0.73
N ILE A 364 -4.19 -22.26 1.41
CA ILE A 364 -3.12 -23.14 1.88
C ILE A 364 -2.36 -23.81 0.71
N PRO A 365 -1.14 -23.32 0.42
CA PRO A 365 -0.34 -23.75 -0.74
C PRO A 365 -0.13 -25.26 -0.72
N ASP A 366 0.17 -25.86 -1.87
CA ASP A 366 0.28 -27.31 -1.86
C ASP A 366 1.44 -27.82 -1.02
N ASN A 367 2.54 -27.08 -1.02
CA ASN A 367 3.73 -27.47 -0.26
C ASN A 367 3.55 -27.46 1.26
N VAL A 368 3.05 -26.35 1.79
CA VAL A 368 3.06 -26.20 3.23
C VAL A 368 2.19 -27.23 3.92
N ARG A 369 2.59 -27.60 5.12
CA ARG A 369 1.83 -28.51 5.94
C ARG A 369 1.34 -27.73 7.15
N PRO A 370 0.09 -27.25 7.06
CA PRO A 370 -0.58 -26.35 7.99
C PRO A 370 -0.30 -26.65 9.46
N GLY A 371 -0.77 -27.79 9.94
CA GLY A 371 -0.71 -28.13 11.36
C GLY A 371 0.71 -28.30 11.86
N HIS A 372 1.58 -28.81 11.00
CA HIS A 372 2.98 -29.00 11.33
C HIS A 372 3.69 -27.65 11.48
N LEU A 373 3.70 -26.88 10.39
CA LEU A 373 4.24 -25.53 10.40
C LEU A 373 3.84 -24.79 11.67
N ILE A 374 2.54 -24.69 11.93
CA ILE A 374 2.05 -23.97 13.10
C ILE A 374 2.68 -24.45 14.41
N LYS A 375 2.96 -25.75 14.49
CA LYS A 375 3.62 -26.32 15.67
C LYS A 375 5.09 -25.92 15.73
N GLU A 376 5.77 -26.03 14.60
CA GLU A 376 7.17 -25.65 14.53
C GLU A 376 7.35 -24.20 14.92
N LEU A 377 6.40 -23.36 14.54
CA LEU A 377 6.38 -21.96 14.98
C LEU A 377 6.12 -21.86 16.48
N SER A 378 5.08 -22.53 16.96
CA SER A 378 4.78 -22.55 18.39
C SER A 378 6.03 -22.90 19.22
N LYS A 379 6.71 -23.99 18.84
CA LYS A 379 7.84 -24.49 19.61
C LYS A 379 9.05 -23.57 19.53
N VAL A 380 9.29 -22.96 18.38
CA VAL A 380 10.34 -21.97 18.22
C VAL A 380 10.08 -20.75 19.11
N ILE A 381 8.86 -20.24 19.09
CA ILE A 381 8.49 -19.08 19.91
C ILE A 381 8.57 -19.35 21.43
N ARG A 382 8.47 -20.63 21.82
CA ARG A 382 8.85 -21.04 23.16
C ARG A 382 10.36 -21.29 23.13
N ALA A 383 11.08 -20.78 24.11
CA ALA A 383 12.50 -20.44 23.93
C ALA A 383 12.43 -19.13 23.17
N ILE A 384 13.46 -18.30 23.25
CA ILE A 384 13.29 -16.91 22.89
C ILE A 384 12.49 -16.29 24.04
N GLU A 385 11.30 -16.83 24.27
CA GLU A 385 10.59 -16.63 25.52
C GLU A 385 10.98 -17.78 26.44
N GLU A 386 11.43 -17.45 27.64
CA GLU A 386 12.03 -18.42 28.57
C GLU A 386 13.54 -18.52 28.30
N GLU A 387 13.91 -18.94 27.09
CA GLU A 387 15.31 -18.89 26.69
C GLU A 387 15.77 -17.42 26.64
N ASN A 388 14.86 -16.54 27.07
CA ASN A 388 15.10 -15.11 27.16
C ASN A 388 13.88 -14.43 27.77
C1 AKG B . -4.16 4.98 -3.63
O1 AKG B . -4.17 3.94 -2.92
O2 AKG B . -4.68 4.94 -4.78
C2 AKG B . -3.57 6.27 -3.13
O5 AKG B . -3.57 6.54 -1.92
C3 AKG B . -3.41 7.40 -4.09
C4 AKG B . -4.72 8.10 -4.17
C5 AKG B . -4.71 9.24 -5.14
O3 AKG B . -3.62 9.70 -5.58
O4 AKG B . -5.79 9.83 -5.43
NI NI C . -3.54 4.61 -0.88
CL CL D . 4.83 -7.79 -2.03
S SO4 E . -7.18 11.99 23.48
O1 SO4 E . -6.03 11.21 23.94
O2 SO4 E . -6.84 12.67 22.23
O3 SO4 E . -8.34 11.11 23.26
O4 SO4 E . -7.54 13.00 24.48
C1 EDO F . 13.15 -0.82 15.22
O1 EDO F . 13.20 0.32 16.11
C2 EDO F . 12.28 -1.96 15.75
O2 EDO F . 10.88 -1.64 15.66
C1 EDO G . 20.26 7.64 -10.60
O1 EDO G . 21.61 7.42 -10.19
C2 EDO G . 19.72 6.44 -11.36
O2 EDO G . 19.38 5.38 -10.45
N1 E67 H . -16.15 2.95 -0.43
C2 E67 H . -15.26 1.95 -0.19
N3 E67 H . -14.03 2.01 -0.67
C4 E67 H . -13.63 3.08 -1.37
C5 E67 H . -14.51 4.14 -1.62
C6 E67 H . -15.82 4.06 -1.11
CAA E67 H . -11.92 4.24 -2.59
CAB E67 H . -12.77 5.32 -2.83
CAC E67 H . -14.08 5.28 -2.36
CAF E67 H . -12.35 3.12 -1.85
OAK E67 H . -10.60 4.23 -2.99
OAL E67 H . -12.32 6.43 -3.56
CAM E67 H . -12.32 7.68 -2.96
NAN E67 H . -16.80 5.09 -1.32
NAU E67 H . -15.71 0.74 0.49
CAV E67 H . -16.59 -0.43 0.66
CAW E67 H . -17.68 -0.56 -0.42
CAX E67 H . -17.31 -0.44 -1.86
NAY E67 H . -16.90 0.83 -2.41
CAZ E67 H . -17.93 1.36 -3.33
CBA E67 H . -15.67 0.71 -3.13
CBB E67 H . -9.65 4.00 -1.98
CBC E67 H . -8.69 2.78 -2.08
CBD E67 H . -7.69 2.69 -3.24
CBE E67 H . -6.62 1.64 -3.07
CBF E67 H . -6.45 1.08 -1.66
NBG E67 H . -5.47 0.02 -1.42
#